data_3IIB
#
_entry.id   3IIB
#
_cell.length_a   90.442
_cell.length_b   84.867
_cell.length_c   80.114
_cell.angle_alpha   90.000
_cell.angle_beta   115.850
_cell.angle_gamma   90.000
#
_symmetry.space_group_name_H-M   'C 1 2 1'
#
loop_
_entity.id
_entity.type
_entity.pdbx_description
1 polymer 'Peptidase M28'
2 non-polymer 'ZINC ION'
3 non-polymer 'TRIETHYLENE GLYCOL'
4 non-polymer DI(HYDROXYETHYL)ETHER
5 water water
#
_entity_poly.entity_id   1
_entity_poly.type   'polypeptide(L)'
_entity_poly.pdbx_seq_one_letter_code
;GSDDINQKVAEQLAQKAQSSSLGYDIVESLTVEVGPRLAGSEQDKVAVDWAIAKLQSLGFDRVYKEPVTVPVWRRGIAKA
SILSPFPQPLVVTALGGSIATPAQGLSATIVRFDTLQDLQNAEAGSLNDKIAFIDAKTERHRDGKGYGQTASGRSRGAVA
AAEKGAVGIIIRSIGTDHDR(MSE)AHTG(MSE)(MSE)RYEEGVTAIPAAAISNPDADLINA(MSE)LKRDKEVVISLE
LGSERRGETTSYNVIAEVKGSTKADEIVLIGAHLDSWDEGTGAIDDGAGVAIVTAAAKHILDLPQKPERTIRVVLYAAEE
LGLLGGKTYAKEHEAELEKHYIAAESDFGAGPIYQIDWRVADTAHSPVINA(MSE)KVAEPLGVAAGNNKASGGPDVS
(MSE)LPALGVPVASLRQDGSDYFDYHHTPNDTLDKINPEALAQNVAVYAQFAWV(MSE)ANSKVELRPLPPKE
;
_entity_poly.pdbx_strand_id   A
#
# COMPACT_ATOMS: atom_id res chain seq x y z
N SER A 2 1.77 32.91 -13.96
CA SER A 2 3.19 32.55 -14.25
C SER A 2 3.75 31.54 -13.26
N ASP A 3 4.89 30.95 -13.63
CA ASP A 3 5.62 30.04 -12.77
C ASP A 3 5.91 30.73 -11.45
N ASP A 4 6.32 31.99 -11.50
CA ASP A 4 6.57 32.74 -10.26
C ASP A 4 5.35 32.89 -9.33
N ILE A 5 4.20 33.23 -9.91
CA ILE A 5 2.96 33.39 -9.15
C ILE A 5 2.55 32.06 -8.52
N ASN A 6 2.73 31.00 -9.29
CA ASN A 6 2.36 29.67 -8.83
C ASN A 6 3.34 29.09 -7.82
N GLN A 7 4.62 29.46 -7.93
CA GLN A 7 5.56 29.05 -6.91
CA GLN A 7 5.60 29.11 -6.90
C GLN A 7 5.13 29.69 -5.57
N LYS A 8 4.67 30.95 -5.58
CA LYS A 8 4.26 31.61 -4.33
CA LYS A 8 4.26 31.61 -4.33
C LYS A 8 2.97 31.01 -3.75
N VAL A 9 2.02 30.65 -4.61
CA VAL A 9 0.84 29.92 -4.14
C VAL A 9 1.28 28.60 -3.52
N ALA A 10 2.22 27.90 -4.16
CA ALA A 10 2.70 26.63 -3.62
C ALA A 10 3.38 26.84 -2.24
N GLU A 11 4.15 27.90 -2.10
CA GLU A 11 4.71 28.24 -0.80
C GLU A 11 3.63 28.43 0.26
N GLN A 12 2.54 29.13 -0.11
CA GLN A 12 1.44 29.39 0.80
C GLN A 12 0.64 28.14 1.13
N LEU A 13 0.46 27.25 0.13
CA LEU A 13 -0.16 25.95 0.40
C LEU A 13 0.62 25.17 1.45
N ALA A 14 1.94 25.20 1.34
CA ALA A 14 2.76 24.51 2.34
C ALA A 14 2.59 25.12 3.71
N GLN A 15 2.51 26.45 3.78
CA GLN A 15 2.21 27.13 5.05
C GLN A 15 0.91 26.61 5.65
N LYS A 16 -0.13 26.56 4.84
CA LYS A 16 -1.42 26.05 5.32
C LYS A 16 -1.31 24.64 5.87
N ALA A 17 -0.59 23.78 5.17
CA ALA A 17 -0.48 22.37 5.60
C ALA A 17 0.15 22.24 7.01
N GLN A 18 1.12 23.12 7.27
CA GLN A 18 1.83 23.13 8.53
C GLN A 18 1.02 23.76 9.65
N SER A 19 0.09 24.65 9.33
CA SER A 19 -0.70 25.31 10.35
C SER A 19 -2.08 24.68 10.55
N SER A 20 -2.42 23.66 9.76
CA SER A 20 -3.79 23.07 9.78
C SER A 20 -3.77 21.62 10.28
N SER A 21 -4.71 21.28 11.16
CA SER A 21 -4.84 19.92 11.68
C SER A 21 -5.64 19.01 10.72
N LEU A 22 -6.04 19.54 9.56
CA LEU A 22 -6.95 18.82 8.63
C LEU A 22 -6.44 17.42 8.28
N GLY A 23 -5.20 17.31 7.84
CA GLY A 23 -4.62 16.00 7.46
C GLY A 23 -4.78 15.00 8.58
N TYR A 24 -4.34 15.40 9.77
CA TYR A 24 -4.43 14.51 10.95
C TYR A 24 -5.89 14.18 11.26
N ASP A 25 -6.74 15.20 11.20
CA ASP A 25 -8.15 15.03 11.51
C ASP A 25 -8.83 14.04 10.56
N ILE A 26 -8.40 14.01 9.30
CA ILE A 26 -9.02 13.10 8.33
C ILE A 26 -8.63 11.65 8.69
N VAL A 27 -7.38 11.43 9.03
CA VAL A 27 -6.96 10.06 9.36
C VAL A 27 -7.50 9.62 10.75
N GLU A 28 -7.63 10.57 11.66
CA GLU A 28 -8.27 10.27 12.96
C GLU A 28 -9.72 9.84 12.69
N SER A 29 -10.37 10.57 11.78
CA SER A 29 -11.77 10.28 11.48
C SER A 29 -11.95 8.88 10.89
N LEU A 30 -11.07 8.54 9.96
CA LEU A 30 -11.17 7.28 9.24
C LEU A 30 -10.89 6.12 10.21
N THR A 31 -9.81 6.25 10.98
CA THR A 31 -9.41 5.14 11.86
C THR A 31 -10.39 4.94 13.01
N VAL A 32 -11.03 6.03 13.49
CA VAL A 32 -12.02 5.91 14.58
C VAL A 32 -13.41 5.51 14.08
N GLU A 33 -13.89 6.16 13.01
CA GLU A 33 -15.28 6.00 12.57
C GLU A 33 -15.51 4.79 11.62
N VAL A 34 -14.42 4.23 11.11
CA VAL A 34 -14.42 3.03 10.30
C VAL A 34 -13.53 1.98 10.89
N GLY A 35 -12.25 2.28 11.09
CA GLY A 35 -11.30 1.26 11.51
C GLY A 35 -10.81 0.43 10.33
N PRO A 36 -10.43 -0.83 10.59
CA PRO A 36 -9.91 -1.66 9.50
C PRO A 36 -10.98 -1.83 8.46
N ARG A 37 -10.59 -1.87 7.18
CA ARG A 37 -11.59 -1.94 6.09
C ARG A 37 -11.07 -2.85 4.96
N LEU A 38 -11.08 -4.16 5.26
CA LEU A 38 -10.69 -5.16 4.25
C LEU A 38 -11.71 -5.14 3.12
N ALA A 39 -11.21 -5.12 1.89
CA ALA A 39 -12.11 -5.16 0.74
C ALA A 39 -13.01 -6.38 0.86
N GLY A 40 -14.29 -6.20 0.55
CA GLY A 40 -15.22 -7.31 0.54
C GLY A 40 -15.86 -7.59 1.89
N SER A 41 -15.30 -7.02 2.96
CA SER A 41 -15.90 -7.14 4.31
C SER A 41 -17.07 -6.15 4.50
N GLU A 42 -17.77 -6.27 5.63
CA GLU A 42 -18.81 -5.32 5.98
C GLU A 42 -18.24 -3.90 6.09
N GLN A 43 -16.95 -3.77 6.45
CA GLN A 43 -16.32 -2.47 6.65
C GLN A 43 -15.98 -1.74 5.36
N ASP A 44 -15.93 -2.49 4.26
CA ASP A 44 -15.69 -1.93 2.92
C ASP A 44 -16.74 -0.89 2.59
N LYS A 45 -18.04 -1.25 2.66
CA LYS A 45 -19.07 -0.27 2.45
C LYS A 45 -19.04 0.87 3.45
N VAL A 46 -18.76 0.56 4.73
CA VAL A 46 -18.61 1.60 5.77
C VAL A 46 -17.54 2.63 5.40
N ALA A 47 -16.40 2.18 4.88
CA ALA A 47 -15.32 3.09 4.49
C ALA A 47 -15.73 3.92 3.27
N VAL A 48 -16.39 3.28 2.29
CA VAL A 48 -16.87 4.01 1.11
C VAL A 48 -17.87 5.12 1.52
N ASP A 49 -18.83 4.77 2.39
CA ASP A 49 -19.85 5.71 2.77
C ASP A 49 -19.18 6.85 3.56
N TRP A 50 -18.18 6.50 4.37
CA TRP A 50 -17.46 7.49 5.16
C TRP A 50 -16.75 8.49 4.24
N ALA A 51 -16.14 7.96 3.18
CA ALA A 51 -15.31 8.78 2.27
C ALA A 51 -16.18 9.68 1.44
N ILE A 52 -17.31 9.16 0.96
CA ILE A 52 -18.27 10.00 0.24
C ILE A 52 -18.74 11.19 1.11
N ALA A 53 -19.14 10.89 2.35
CA ALA A 53 -19.65 11.91 3.25
C ALA A 53 -18.52 12.91 3.55
N LYS A 54 -17.32 12.40 3.74
CA LYS A 54 -16.21 13.26 4.10
C LYS A 54 -15.91 14.21 3.00
N LEU A 55 -15.83 13.68 1.78
CA LEU A 55 -15.49 14.53 0.64
C LEU A 55 -16.58 15.54 0.37
N GLN A 56 -17.84 15.13 0.51
CA GLN A 56 -18.94 16.09 0.39
C GLN A 56 -18.86 17.19 1.44
N SER A 57 -18.51 16.80 2.65
CA SER A 57 -18.46 17.73 3.76
C SER A 57 -17.35 18.75 3.57
N LEU A 58 -16.31 18.37 2.82
CA LEU A 58 -15.22 19.28 2.53
C LEU A 58 -15.52 20.19 1.34
N GLY A 59 -16.65 20.01 0.66
CA GLY A 59 -17.05 20.95 -0.37
C GLY A 59 -16.48 20.75 -1.75
N PHE A 60 -15.99 19.55 -2.05
CA PHE A 60 -15.43 19.30 -3.39
C PHE A 60 -16.49 19.52 -4.45
N ASP A 61 -16.03 19.88 -5.63
CA ASP A 61 -16.95 20.22 -6.71
C ASP A 61 -17.73 19.04 -7.26
N ARG A 62 -17.09 17.88 -7.34
CA ARG A 62 -17.79 16.61 -7.61
C ARG A 62 -17.27 15.58 -6.65
N VAL A 63 -18.18 14.71 -6.24
CA VAL A 63 -17.87 13.58 -5.39
C VAL A 63 -18.72 12.44 -5.89
N TYR A 64 -18.07 11.33 -6.24
CA TYR A 64 -18.80 10.19 -6.82
C TYR A 64 -17.99 8.93 -6.66
N LYS A 65 -18.60 7.82 -7.03
CA LYS A 65 -17.90 6.55 -6.92
C LYS A 65 -18.11 5.68 -8.11
N GLU A 66 -17.19 4.73 -8.29
CA GLU A 66 -17.16 3.86 -9.45
C GLU A 66 -16.93 2.42 -9.01
N PRO A 67 -17.71 1.48 -9.55
CA PRO A 67 -17.63 0.14 -8.99
C PRO A 67 -16.39 -0.67 -9.38
N VAL A 68 -15.99 -1.53 -8.45
CA VAL A 68 -14.83 -2.39 -8.57
C VAL A 68 -15.26 -3.76 -8.06
N THR A 69 -15.04 -4.79 -8.87
CA THR A 69 -15.31 -6.16 -8.42
C THR A 69 -14.24 -6.61 -7.44
N VAL A 70 -14.64 -7.15 -6.31
CA VAL A 70 -13.70 -7.61 -5.30
C VAL A 70 -14.06 -9.00 -4.74
N PRO A 71 -13.04 -9.83 -4.46
CA PRO A 71 -13.26 -11.09 -3.80
C PRO A 71 -13.54 -10.90 -2.32
N VAL A 72 -14.13 -11.94 -1.74
CA VAL A 72 -14.52 -11.93 -0.34
C VAL A 72 -13.87 -13.07 0.39
N TRP A 73 -12.99 -12.69 1.32
CA TRP A 73 -12.32 -13.65 2.19
C TRP A 73 -12.46 -13.14 3.62
N ARG A 74 -12.83 -14.06 4.51
CA ARG A 74 -13.04 -13.77 5.94
C ARG A 74 -12.05 -14.58 6.77
N ARG A 75 -11.38 -13.88 7.67
CA ARG A 75 -10.41 -14.42 8.57
C ARG A 75 -11.14 -14.97 9.80
N GLY A 76 -10.82 -16.19 10.16
CA GLY A 76 -11.35 -16.75 11.39
C GLY A 76 -10.23 -16.79 12.43
N ILE A 77 -10.24 -17.88 13.19
CA ILE A 77 -9.27 -18.11 14.25
CA ILE A 77 -9.26 -18.13 14.23
C ILE A 77 -7.86 -18.35 13.69
N ALA A 78 -6.85 -17.97 14.46
CA ALA A 78 -5.47 -18.29 14.13
C ALA A 78 -4.80 -18.66 15.46
N LYS A 79 -4.40 -19.91 15.59
CA LYS A 79 -3.71 -20.40 16.76
C LYS A 79 -2.55 -21.27 16.30
N ALA A 80 -1.38 -21.04 16.88
CA ALA A 80 -0.25 -21.91 16.57
C ALA A 80 0.61 -22.09 17.81
N SER A 81 1.26 -23.22 17.89
CA SER A 81 2.25 -23.42 18.96
C SER A 81 3.34 -24.39 18.54
N ILE A 82 4.46 -24.35 19.25
CA ILE A 82 5.48 -25.37 19.08
C ILE A 82 5.13 -26.52 20.01
N LEU A 83 5.11 -27.72 19.45
CA LEU A 83 4.80 -28.94 20.23
C LEU A 83 6.04 -29.61 20.78
N SER A 84 7.14 -29.50 20.02
CA SER A 84 8.41 -30.07 20.40
CA SER A 84 8.41 -30.13 20.35
C SER A 84 9.53 -29.40 19.61
N PRO A 85 10.76 -29.34 20.19
CA PRO A 85 11.23 -29.96 21.45
C PRO A 85 10.73 -29.32 22.78
N PHE A 86 10.46 -28.02 22.77
CA PHE A 86 10.11 -27.28 23.98
C PHE A 86 8.77 -26.60 23.71
N PRO A 87 7.70 -27.09 24.35
CA PRO A 87 6.42 -26.58 23.92
C PRO A 87 6.26 -25.10 24.28
N GLN A 88 5.77 -24.31 23.33
CA GLN A 88 5.58 -22.89 23.54
C GLN A 88 4.53 -22.32 22.61
N PRO A 89 3.86 -21.24 23.02
CA PRO A 89 2.93 -20.51 22.14
C PRO A 89 3.64 -19.75 21.03
N LEU A 90 2.98 -19.65 19.89
CA LEU A 90 3.35 -18.75 18.83
C LEU A 90 2.27 -17.69 18.59
N VAL A 91 2.68 -16.57 18.00
CA VAL A 91 1.75 -15.50 17.63
C VAL A 91 1.79 -15.54 16.09
N VAL A 92 0.64 -15.84 15.52
CA VAL A 92 0.53 -16.19 14.12
C VAL A 92 -0.64 -15.42 13.54
N THR A 93 -0.61 -15.20 12.23
CA THR A 93 -1.80 -14.78 11.52
C THR A 93 -1.84 -15.43 10.12
N ALA A 94 -3.03 -15.70 9.63
CA ALA A 94 -3.19 -16.26 8.30
C ALA A 94 -2.68 -15.22 7.29
N LEU A 95 -2.06 -15.71 6.23
CA LEU A 95 -1.84 -14.90 5.04
C LEU A 95 -3.17 -14.66 4.37
N GLY A 96 -3.32 -13.47 3.79
CA GLY A 96 -4.55 -13.08 3.13
C GLY A 96 -4.93 -14.02 2.02
N GLY A 97 -6.10 -14.61 2.14
CA GLY A 97 -6.56 -15.59 1.18
C GLY A 97 -6.27 -17.04 1.54
N SER A 98 -5.58 -17.30 2.66
CA SER A 98 -5.29 -18.68 3.05
C SER A 98 -6.57 -19.48 3.20
N ILE A 99 -6.52 -20.73 2.79
CA ILE A 99 -7.54 -21.68 3.15
C ILE A 99 -7.38 -22.01 4.65
N ALA A 100 -8.43 -22.57 5.21
CA ALA A 100 -8.42 -23.04 6.59
C ALA A 100 -7.61 -24.32 6.67
N THR A 101 -7.11 -24.60 7.87
CA THR A 101 -6.47 -25.90 8.18
C THR A 101 -7.54 -26.97 8.26
N PRO A 102 -7.17 -28.26 8.07
CA PRO A 102 -8.09 -29.38 8.16
C PRO A 102 -8.89 -29.39 9.45
N ALA A 103 -10.12 -29.88 9.37
CA ALA A 103 -10.96 -30.07 10.55
C ALA A 103 -10.26 -30.98 11.56
N GLN A 104 -9.62 -32.05 11.06
CA GLN A 104 -8.84 -32.97 11.89
C GLN A 104 -7.70 -32.28 12.65
N GLY A 105 -7.30 -31.10 12.16
CA GLY A 105 -6.22 -30.30 12.73
C GLY A 105 -4.93 -30.49 11.97
N LEU A 106 -3.95 -29.62 12.20
CA LEU A 106 -2.65 -29.72 11.55
C LEU A 106 -1.45 -29.62 12.51
N SER A 107 -0.75 -30.73 12.67
CA SER A 107 0.50 -30.75 13.43
CA SER A 107 0.48 -30.79 13.45
C SER A 107 1.52 -31.47 12.56
N ALA A 108 2.72 -30.91 12.45
CA ALA A 108 3.71 -31.41 11.52
C ALA A 108 5.08 -30.93 11.88
N THR A 109 6.09 -31.69 11.46
CA THR A 109 7.49 -31.27 11.52
C THR A 109 7.73 -30.19 10.48
N ILE A 110 8.51 -29.18 10.83
CA ILE A 110 8.86 -28.13 9.87
C ILE A 110 10.21 -28.37 9.21
N VAL A 111 10.41 -27.72 8.07
CA VAL A 111 11.70 -27.65 7.40
C VAL A 111 11.96 -26.19 7.10
N ARG A 112 13.11 -25.70 7.54
CA ARG A 112 13.47 -24.30 7.42
C ARG A 112 14.21 -24.02 6.11
N PHE A 113 13.85 -22.89 5.49
CA PHE A 113 14.50 -22.38 4.28
C PHE A 113 14.90 -20.94 4.53
N ASP A 114 16.10 -20.56 4.09
CA ASP A 114 16.55 -19.19 4.23
C ASP A 114 15.65 -18.21 3.49
N THR A 115 15.14 -18.62 2.33
CA THR A 115 14.42 -17.74 1.41
C THR A 115 13.45 -18.57 0.57
N LEU A 116 12.50 -17.89 -0.05
CA LEU A 116 11.65 -18.48 -1.10
C LEU A 116 12.47 -19.21 -2.17
N GLN A 117 13.56 -18.61 -2.64
CA GLN A 117 14.39 -19.27 -3.67
C GLN A 117 14.92 -20.62 -3.20
N ASP A 118 15.35 -20.69 -1.93
CA ASP A 118 15.83 -21.94 -1.35
C ASP A 118 14.72 -22.99 -1.30
N LEU A 119 13.52 -22.56 -0.95
CA LEU A 119 12.37 -23.44 -0.96
C LEU A 119 12.08 -23.94 -2.38
N GLN A 120 12.13 -23.02 -3.34
CA GLN A 120 11.89 -23.35 -4.75
C GLN A 120 12.93 -24.35 -5.28
N ASN A 121 14.16 -24.28 -4.76
CA ASN A 121 15.23 -25.23 -5.08
C ASN A 121 15.16 -26.59 -4.39
N ALA A 122 14.26 -26.77 -3.42
CA ALA A 122 14.18 -28.03 -2.70
C ALA A 122 13.79 -29.17 -3.65
N GLU A 123 14.11 -30.38 -3.25
CA GLU A 123 13.83 -31.54 -4.06
C GLU A 123 12.34 -31.86 -3.96
N ALA A 124 11.75 -32.27 -5.08
CA ALA A 124 10.36 -32.71 -5.07
C ALA A 124 10.17 -33.83 -4.04
N GLY A 125 9.05 -33.80 -3.35
CA GLY A 125 8.76 -34.77 -2.31
C GLY A 125 9.40 -34.54 -0.96
N SER A 126 10.34 -33.59 -0.87
CA SER A 126 11.13 -33.43 0.34
C SER A 126 10.31 -32.87 1.48
N LEU A 127 9.20 -32.18 1.17
CA LEU A 127 8.33 -31.65 2.21
C LEU A 127 7.07 -32.46 2.43
N ASN A 128 6.97 -33.67 1.84
CA ASN A 128 5.82 -34.51 2.12
C ASN A 128 5.52 -34.56 3.63
N ASP A 129 4.25 -34.35 4.00
CA ASP A 129 3.81 -34.43 5.39
C ASP A 129 4.39 -33.35 6.32
N LYS A 130 5.11 -32.38 5.76
CA LYS A 130 5.78 -31.38 6.57
C LYS A 130 5.28 -29.98 6.29
N ILE A 131 5.68 -29.06 7.15
CA ILE A 131 5.33 -27.66 6.97
C ILE A 131 6.61 -26.90 6.60
N ALA A 132 6.57 -26.13 5.53
CA ALA A 132 7.71 -25.29 5.16
C ALA A 132 7.77 -24.10 6.10
N PHE A 133 8.97 -23.66 6.43
CA PHE A 133 9.23 -22.43 7.20
C PHE A 133 10.24 -21.59 6.43
N ILE A 134 9.79 -20.46 5.86
CA ILE A 134 10.69 -19.52 5.24
C ILE A 134 11.07 -18.49 6.29
N ASP A 135 12.39 -18.38 6.55
CA ASP A 135 12.89 -17.57 7.64
C ASP A 135 13.46 -16.20 7.23
N ALA A 136 13.35 -15.82 5.95
CA ALA A 136 14.03 -14.61 5.49
C ALA A 136 13.67 -13.38 6.34
N LYS A 137 14.69 -12.67 6.81
CA LYS A 137 14.54 -11.44 7.56
C LYS A 137 14.52 -10.28 6.58
N THR A 138 13.69 -9.28 6.88
CA THR A 138 13.53 -8.11 6.02
C THR A 138 14.42 -6.98 6.53
N GLU A 139 15.34 -6.51 5.70
CA GLU A 139 16.21 -5.39 6.03
C GLU A 139 15.43 -4.11 6.09
N ARG A 140 15.83 -3.24 7.01
CA ARG A 140 15.27 -1.90 7.13
C ARG A 140 15.94 -0.95 6.14
N HIS A 141 15.13 -0.24 5.36
CA HIS A 141 15.61 0.76 4.39
C HIS A 141 14.63 1.90 4.26
N ARG A 142 15.15 3.10 4.07
CA ARG A 142 14.29 4.25 3.86
C ARG A 142 13.32 4.07 2.71
N ASP A 143 13.79 3.42 1.65
CA ASP A 143 12.98 3.23 0.46
C ASP A 143 12.23 1.93 0.43
N GLY A 144 12.34 1.13 1.50
CA GLY A 144 11.60 -0.12 1.59
C GLY A 144 12.09 -1.23 0.71
N LYS A 145 13.35 -1.14 0.27
CA LYS A 145 13.88 -2.12 -0.68
C LYS A 145 14.04 -3.51 -0.04
N GLY A 146 14.18 -3.56 1.29
CA GLY A 146 14.20 -4.84 1.99
C GLY A 146 12.90 -5.63 1.85
N TYR A 147 11.78 -4.97 2.01
CA TYR A 147 10.47 -5.57 1.76
C TYR A 147 10.37 -6.17 0.35
N GLY A 148 10.92 -5.43 -0.60
CA GLY A 148 10.93 -5.87 -2.00
C GLY A 148 11.66 -7.20 -2.19
N GLN A 149 12.68 -7.44 -1.37
CA GLN A 149 13.45 -8.66 -1.51
CA GLN A 149 13.48 -8.65 -1.47
C GLN A 149 12.78 -9.87 -0.83
N THR A 150 11.99 -9.63 0.23
CA THR A 150 11.41 -10.76 0.98
C THR A 150 9.92 -11.01 0.80
N ALA A 151 9.22 -10.02 0.26
CA ALA A 151 7.76 -10.09 0.16
C ALA A 151 7.25 -11.30 -0.62
N SER A 152 8.03 -11.75 -1.62
CA SER A 152 7.58 -12.88 -2.44
C SER A 152 7.44 -14.17 -1.65
N GLY A 153 8.18 -14.30 -0.55
CA GLY A 153 7.97 -15.42 0.38
C GLY A 153 6.53 -15.51 0.83
N ARG A 154 5.93 -14.34 1.07
CA ARG A 154 4.54 -14.29 1.47
C ARG A 154 3.60 -14.54 0.28
N SER A 155 3.86 -13.85 -0.81
CA SER A 155 3.02 -13.94 -2.03
CA SER A 155 2.97 -13.95 -1.98
C SER A 155 3.00 -15.33 -2.67
N ARG A 156 4.18 -15.96 -2.71
CA ARG A 156 4.35 -17.19 -3.49
C ARG A 156 4.83 -18.44 -2.77
N GLY A 157 5.05 -18.32 -1.45
CA GLY A 157 5.60 -19.39 -0.65
C GLY A 157 4.67 -20.58 -0.57
N ALA A 158 3.37 -20.37 -0.42
CA ALA A 158 2.47 -21.50 -0.27
C ALA A 158 2.46 -22.38 -1.54
N VAL A 159 2.57 -21.76 -2.70
CA VAL A 159 2.65 -22.51 -3.94
C VAL A 159 3.94 -23.35 -3.99
N ALA A 160 5.08 -22.69 -3.74
CA ALA A 160 6.37 -23.37 -3.81
C ALA A 160 6.45 -24.52 -2.79
N ALA A 161 5.90 -24.32 -1.59
CA ALA A 161 5.93 -25.35 -0.58
C ALA A 161 5.04 -26.53 -0.96
N ALA A 162 3.83 -26.26 -1.45
CA ALA A 162 2.92 -27.35 -1.91
C ALA A 162 3.52 -28.19 -3.03
N GLU A 163 4.25 -27.55 -3.93
CA GLU A 163 4.96 -28.24 -5.02
C GLU A 163 5.94 -29.27 -4.53
N LYS A 164 6.46 -29.05 -3.32
CA LYS A 164 7.44 -29.96 -2.71
C LYS A 164 6.82 -30.94 -1.75
N GLY A 165 5.48 -30.89 -1.63
CA GLY A 165 4.73 -31.83 -0.80
C GLY A 165 4.25 -31.29 0.54
N ALA A 166 4.57 -30.02 0.86
CA ALA A 166 4.22 -29.45 2.14
C ALA A 166 2.73 -29.45 2.33
N VAL A 167 2.30 -29.65 3.58
CA VAL A 167 0.90 -29.60 3.94
C VAL A 167 0.55 -28.24 4.51
N GLY A 168 1.55 -27.36 4.62
CA GLY A 168 1.36 -26.01 5.12
C GLY A 168 2.62 -25.19 5.02
N ILE A 169 2.51 -23.87 5.22
CA ILE A 169 3.67 -23.02 5.28
C ILE A 169 3.50 -22.00 6.41
N ILE A 170 4.58 -21.80 7.15
CA ILE A 170 4.71 -20.63 8.00
C ILE A 170 5.86 -19.80 7.51
N ILE A 171 5.73 -18.49 7.59
CA ILE A 171 6.82 -17.59 7.25
C ILE A 171 7.17 -16.66 8.43
N ARG A 172 8.44 -16.29 8.51
CA ARG A 172 8.79 -15.13 9.28
C ARG A 172 8.11 -13.92 8.65
N SER A 173 7.35 -13.20 9.48
CA SER A 173 6.65 -12.00 9.05
C SER A 173 7.54 -11.11 8.24
N ILE A 174 6.96 -10.55 7.16
CA ILE A 174 7.67 -9.66 6.28
C ILE A 174 7.66 -8.28 6.92
N GLY A 175 8.52 -8.11 7.92
CA GLY A 175 8.49 -6.94 8.80
C GLY A 175 9.86 -6.68 9.31
N THR A 176 10.11 -5.44 9.66
CA THR A 176 11.38 -5.03 10.19
C THR A 176 11.41 -4.91 11.72
N ASP A 177 10.26 -5.11 12.38
CA ASP A 177 10.20 -5.05 13.84
C ASP A 177 10.73 -6.31 14.53
N HIS A 178 10.97 -6.21 15.85
CA HIS A 178 11.09 -7.42 16.68
C HIS A 178 9.97 -7.38 17.74
N ASP A 179 8.78 -6.99 17.29
CA ASP A 179 7.59 -7.07 18.13
C ASP A 179 6.84 -8.37 17.90
N ARG A 180 6.05 -8.75 18.90
CA ARG A 180 5.25 -9.96 18.89
C ARG A 180 3.97 -9.68 18.09
N ALA A 182 2.24 -10.49 14.19
CA ALA A 182 2.24 -11.25 12.96
C ALA A 182 1.71 -10.36 11.83
N HIS A 183 2.47 -10.33 10.72
CA HIS A 183 2.15 -9.47 9.58
C HIS A 183 1.40 -10.32 8.54
N THR A 184 0.20 -9.87 8.17
CA THR A 184 -0.58 -10.49 7.11
C THR A 184 -0.25 -9.84 5.76
N GLY A 185 -1.08 -10.10 4.76
CA GLY A 185 -0.89 -9.57 3.41
C GLY A 185 -1.25 -10.62 2.39
N ARG A 188 -1.16 -15.61 -3.19
CA ARG A 188 -1.90 -16.18 -4.31
C ARG A 188 -1.59 -17.66 -4.42
N TYR A 189 -2.63 -18.47 -4.47
CA TYR A 189 -2.50 -19.84 -4.88
C TYR A 189 -2.40 -19.88 -6.41
N GLU A 190 -1.97 -21.00 -6.94
CA GLU A 190 -1.82 -21.21 -8.35
C GLU A 190 -2.72 -22.37 -8.75
N GLU A 191 -3.54 -22.11 -9.75
CA GLU A 191 -4.40 -23.13 -10.32
CA GLU A 191 -4.38 -23.13 -10.31
C GLU A 191 -3.47 -24.24 -10.79
N GLY A 192 -3.76 -25.45 -10.34
CA GLY A 192 -2.97 -26.64 -10.67
C GLY A 192 -2.20 -27.17 -9.47
N VAL A 193 -1.95 -26.30 -8.50
CA VAL A 193 -1.23 -26.70 -7.28
C VAL A 193 -2.17 -26.69 -6.10
N THR A 194 -2.20 -27.82 -5.38
CA THR A 194 -2.98 -27.91 -4.14
C THR A 194 -2.77 -26.71 -3.22
N ALA A 195 -3.86 -26.03 -2.89
CA ALA A 195 -3.86 -24.94 -1.90
C ALA A 195 -3.59 -25.52 -0.51
N ILE A 196 -2.66 -24.88 0.20
CA ILE A 196 -2.36 -25.30 1.56
C ILE A 196 -2.48 -24.10 2.53
N PRO A 197 -2.78 -24.36 3.82
CA PRO A 197 -2.79 -23.30 4.82
C PRO A 197 -1.47 -22.57 4.91
N ALA A 198 -1.53 -21.26 5.11
CA ALA A 198 -0.36 -20.39 4.99
C ALA A 198 -0.51 -19.27 6.04
N ALA A 199 0.50 -19.11 6.90
CA ALA A 199 0.48 -18.17 8.00
C ALA A 199 1.83 -17.52 8.16
N ALA A 200 1.81 -16.33 8.74
CA ALA A 200 3.02 -15.62 9.17
C ALA A 200 3.10 -15.65 10.70
N ILE A 201 4.32 -15.82 11.21
CA ILE A 201 4.57 -15.77 12.64
C ILE A 201 5.39 -14.53 12.93
N SER A 202 5.32 -14.08 14.19
CA SER A 202 6.04 -12.87 14.58
C SER A 202 7.52 -13.11 14.42
N ASN A 203 8.24 -12.02 14.26
CA ASN A 203 9.70 -12.09 14.23
C ASN A 203 10.34 -12.77 15.46
N PRO A 204 9.91 -12.45 16.71
CA PRO A 204 10.45 -13.17 17.87
C PRO A 204 10.16 -14.68 17.81
N ASP A 205 8.98 -15.05 17.29
CA ASP A 205 8.66 -16.46 17.18
C ASP A 205 9.56 -17.21 16.16
N ALA A 206 9.92 -16.53 15.08
CA ALA A 206 10.81 -17.10 14.08
C ALA A 206 12.22 -17.24 14.69
N ASP A 207 12.62 -16.23 15.52
CA ASP A 207 13.89 -16.31 16.23
C ASP A 207 13.87 -17.54 17.16
N LEU A 208 12.74 -17.76 17.83
CA LEU A 208 12.61 -18.88 18.77
C LEU A 208 12.77 -20.23 18.07
N ILE A 209 12.12 -20.35 16.91
CA ILE A 209 12.15 -21.59 16.17
C ILE A 209 13.63 -21.81 15.76
N ASN A 210 14.28 -20.76 15.31
CA ASN A 210 15.69 -20.85 14.90
C ASN A 210 16.57 -21.36 16.06
N ALA A 211 16.37 -20.82 17.26
CA ALA A 211 17.14 -21.21 18.46
C ALA A 211 16.99 -22.70 18.78
N LEU A 213 16.18 -25.08 16.37
CA LEU A 213 16.84 -25.72 15.25
C LEU A 213 18.33 -25.70 15.42
N LYS A 214 18.86 -24.62 15.98
CA LYS A 214 20.31 -24.49 16.22
C LYS A 214 20.78 -25.48 17.27
N ARG A 215 19.86 -26.05 18.04
CA ARG A 215 20.20 -27.10 18.98
C ARG A 215 20.17 -28.49 18.34
N ASP A 216 20.08 -28.54 17.00
CA ASP A 216 20.05 -29.80 16.26
CA ASP A 216 20.04 -29.79 16.24
C ASP A 216 18.83 -30.62 16.67
N LYS A 217 17.73 -29.92 16.92
CA LYS A 217 16.45 -30.54 17.19
C LYS A 217 15.53 -30.28 16.01
N GLU A 218 14.69 -31.27 15.69
CA GLU A 218 13.54 -31.01 14.82
C GLU A 218 12.41 -30.30 15.59
N VAL A 219 11.74 -29.37 14.92
CA VAL A 219 10.64 -28.62 15.50
C VAL A 219 9.35 -29.07 14.85
N VAL A 220 8.39 -29.35 15.71
CA VAL A 220 7.04 -29.74 15.32
C VAL A 220 6.13 -28.66 15.80
N ILE A 221 5.19 -28.24 14.97
CA ILE A 221 4.23 -27.21 15.34
C ILE A 221 2.81 -27.72 15.17
N SER A 222 1.89 -27.06 15.87
CA SER A 222 0.45 -27.12 15.62
C SER A 222 0.02 -25.83 14.96
N LEU A 223 -0.84 -25.91 13.94
CA LEU A 223 -1.35 -24.72 13.25
C LEU A 223 -2.85 -24.87 12.99
N GLU A 224 -3.59 -23.85 13.39
CA GLU A 224 -5.03 -23.83 13.22
C GLU A 224 -5.37 -22.50 12.61
N LEU A 225 -6.03 -22.53 11.45
CA LEU A 225 -6.51 -21.35 10.76
C LEU A 225 -7.94 -21.54 10.34
N GLY A 226 -8.76 -20.57 10.71
CA GLY A 226 -10.14 -20.56 10.29
C GLY A 226 -10.14 -19.47 9.23
N SER A 227 -10.86 -19.71 8.17
CA SER A 227 -11.07 -18.70 7.14
C SER A 227 -12.21 -19.21 6.30
N GLU A 228 -12.79 -18.31 5.51
CA GLU A 228 -13.91 -18.63 4.63
C GLU A 228 -13.83 -17.74 3.37
N ARG A 229 -14.20 -18.33 2.25
CA ARG A 229 -14.20 -17.63 0.96
C ARG A 229 -15.67 -17.54 0.54
N ARG A 230 -16.09 -16.36 0.13
CA ARG A 230 -17.42 -16.15 -0.44
C ARG A 230 -17.27 -15.72 -1.90
N GLY A 231 -18.39 -15.59 -2.60
CA GLY A 231 -18.39 -15.06 -3.94
C GLY A 231 -18.05 -13.58 -3.97
N GLU A 232 -17.69 -13.11 -5.16
CA GLU A 232 -17.28 -11.73 -5.36
C GLU A 232 -18.47 -10.81 -5.21
N THR A 233 -18.13 -9.56 -4.92
CA THR A 233 -19.09 -8.50 -4.70
C THR A 233 -18.48 -7.20 -5.30
N THR A 234 -19.10 -6.08 -4.95
CA THR A 234 -18.74 -4.76 -5.46
C THR A 234 -18.18 -3.88 -4.34
N SER A 235 -17.03 -3.27 -4.60
CA SER A 235 -16.52 -2.15 -3.80
C SER A 235 -16.50 -0.98 -4.79
N TYR A 236 -15.90 0.13 -4.40
CA TYR A 236 -15.92 1.34 -5.18
C TYR A 236 -14.64 2.15 -5.02
N ASN A 237 -14.15 2.65 -6.16
CA ASN A 237 -13.22 3.78 -6.20
C ASN A 237 -14.03 5.02 -5.86
N VAL A 238 -13.55 5.82 -4.91
CA VAL A 238 -14.25 7.01 -4.47
C VAL A 238 -13.47 8.21 -4.97
N ILE A 239 -14.18 9.13 -5.63
CA ILE A 239 -13.52 10.17 -6.39
C ILE A 239 -14.06 11.53 -5.97
N ALA A 240 -13.15 12.47 -5.81
CA ALA A 240 -13.51 13.90 -5.65
C ALA A 240 -12.68 14.76 -6.56
N GLU A 241 -13.29 15.89 -6.94
CA GLU A 241 -12.63 16.80 -7.84
C GLU A 241 -12.69 18.24 -7.36
N VAL A 242 -11.56 18.92 -7.56
CA VAL A 242 -11.45 20.35 -7.58
C VAL A 242 -11.58 20.78 -9.04
N LYS A 243 -12.63 21.50 -9.37
CA LYS A 243 -12.93 21.84 -10.74
C LYS A 243 -11.82 22.74 -11.34
N GLY A 244 -11.42 22.43 -12.56
CA GLY A 244 -10.45 23.22 -13.29
C GLY A 244 -11.07 24.43 -13.91
N SER A 245 -10.32 25.10 -14.76
CA SER A 245 -10.81 26.32 -15.41
C SER A 245 -10.48 26.28 -16.91
N THR A 246 -9.34 26.85 -17.29
CA THR A 246 -8.99 26.95 -18.71
C THR A 246 -8.57 25.60 -19.32
N LYS A 247 -8.21 24.64 -18.48
CA LYS A 247 -7.79 23.33 -18.93
C LYS A 247 -8.52 22.24 -18.16
N ALA A 248 -9.83 22.46 -17.91
CA ALA A 248 -10.60 21.63 -17.00
C ALA A 248 -10.73 20.20 -17.53
N ASP A 249 -10.59 20.03 -18.84
CA ASP A 249 -10.64 18.68 -19.47
C ASP A 249 -9.39 17.82 -19.18
N GLU A 250 -8.35 18.46 -18.66
CA GLU A 250 -7.15 17.75 -18.28
C GLU A 250 -7.15 17.50 -16.78
N ILE A 251 -6.61 16.35 -16.39
CA ILE A 251 -6.70 15.86 -15.02
CA ILE A 251 -6.71 15.87 -15.03
C ILE A 251 -5.33 15.66 -14.40
N VAL A 252 -5.16 16.21 -13.20
CA VAL A 252 -4.04 15.86 -12.34
C VAL A 252 -4.64 14.94 -11.29
N LEU A 253 -4.17 13.70 -11.24
CA LEU A 253 -4.70 12.69 -10.35
C LEU A 253 -3.77 12.51 -9.16
N ILE A 254 -4.31 12.66 -7.97
CA ILE A 254 -3.54 12.36 -6.76
C ILE A 254 -4.36 11.34 -5.98
N GLY A 255 -3.71 10.24 -5.65
CA GLY A 255 -4.42 9.08 -5.14
C GLY A 255 -3.89 8.50 -3.85
N ALA A 256 -4.68 7.57 -3.33
CA ALA A 256 -4.32 6.72 -2.19
C ALA A 256 -5.24 5.53 -2.31
N HIS A 257 -5.06 4.51 -1.47
CA HIS A 257 -6.09 3.44 -1.40
C HIS A 257 -6.86 3.52 -0.10
N LEU A 258 -8.17 3.24 -0.17
CA LEU A 258 -9.08 3.37 0.97
C LEU A 258 -9.14 2.08 1.75
N ASP A 259 -8.79 0.98 1.11
CA ASP A 259 -8.91 -0.31 1.80
C ASP A 259 -7.68 -0.56 2.68
N SER A 260 -7.77 -1.59 3.52
CA SER A 260 -6.66 -1.96 4.40
C SER A 260 -6.77 -3.40 4.72
N TRP A 261 -5.76 -3.92 5.42
CA TRP A 261 -5.90 -5.21 6.14
C TRP A 261 -6.74 -5.01 7.42
N ASP A 262 -7.08 -6.14 8.04
CA ASP A 262 -8.22 -6.16 8.92
C ASP A 262 -7.91 -6.18 10.41
N GLU A 263 -6.64 -6.31 10.77
CA GLU A 263 -6.26 -6.53 12.19
C GLU A 263 -5.79 -5.30 12.95
N GLY A 264 -5.37 -4.26 12.23
CA GLY A 264 -5.09 -2.91 12.82
C GLY A 264 -6.26 -1.97 12.55
N THR A 265 -5.95 -0.69 12.35
CA THR A 265 -6.97 0.22 11.87
C THR A 265 -6.56 0.87 10.53
N GLY A 266 -5.58 0.28 9.84
CA GLY A 266 -5.16 0.80 8.57
C GLY A 266 -4.70 2.23 8.63
N ALA A 267 -4.02 2.61 9.71
CA ALA A 267 -3.65 3.98 9.87
C ALA A 267 -2.54 4.38 8.90
N ILE A 268 -1.43 3.65 8.83
CA ILE A 268 -0.40 4.10 7.93
C ILE A 268 -0.55 3.47 6.56
N ASP A 269 -1.23 2.31 6.51
CA ASP A 269 -1.49 1.65 5.24
C ASP A 269 -3.00 1.50 5.06
N ASP A 270 -3.68 2.47 4.48
CA ASP A 270 -3.12 3.70 3.95
C ASP A 270 -4.00 4.89 4.33
N GLY A 271 -4.47 4.90 5.59
CA GLY A 271 -5.22 6.01 6.09
C GLY A 271 -4.42 7.31 5.98
N ALA A 272 -3.12 7.24 6.22
CA ALA A 272 -2.28 8.40 6.07
C ALA A 272 -2.35 8.97 4.65
N GLY A 273 -2.27 8.09 3.65
CA GLY A 273 -2.30 8.50 2.25
C GLY A 273 -3.64 9.10 1.89
N VAL A 274 -4.73 8.50 2.35
CA VAL A 274 -6.05 9.12 2.13
C VAL A 274 -6.09 10.58 2.65
N ALA A 275 -5.57 10.77 3.86
CA ALA A 275 -5.57 12.09 4.50
C ALA A 275 -4.67 13.03 3.79
N ILE A 276 -3.53 12.53 3.32
CA ILE A 276 -2.54 13.40 2.67
C ILE A 276 -3.14 13.99 1.41
N VAL A 277 -3.65 13.11 0.53
CA VAL A 277 -4.17 13.61 -0.77
C VAL A 277 -5.48 14.40 -0.62
N THR A 278 -6.35 13.99 0.30
CA THR A 278 -7.62 14.72 0.56
C THR A 278 -7.36 16.10 1.15
N ALA A 279 -6.53 16.17 2.19
CA ALA A 279 -6.17 17.46 2.78
C ALA A 279 -5.47 18.38 1.78
N ALA A 280 -4.53 17.85 1.01
CA ALA A 280 -3.82 18.64 -0.02
C ALA A 280 -4.82 19.26 -1.01
N ALA A 281 -5.75 18.44 -1.47
CA ALA A 281 -6.80 18.92 -2.39
C ALA A 281 -7.71 19.99 -1.72
N LYS A 282 -8.05 19.81 -0.44
CA LYS A 282 -8.89 20.76 0.28
CA LYS A 282 -8.90 20.76 0.26
C LYS A 282 -8.17 22.09 0.42
N HIS A 283 -6.88 22.05 0.75
CA HIS A 283 -6.14 23.33 0.80
C HIS A 283 -6.18 24.06 -0.53
N ILE A 284 -6.12 23.30 -1.62
CA ILE A 284 -6.19 23.88 -2.97
C ILE A 284 -7.60 24.44 -3.24
N LEU A 285 -8.60 23.65 -2.85
CA LEU A 285 -10.01 24.06 -2.97
C LEU A 285 -10.30 25.37 -2.24
N ASP A 286 -9.62 25.56 -1.09
CA ASP A 286 -9.70 26.77 -0.30
C ASP A 286 -9.09 28.01 -0.95
N LEU A 287 -8.25 27.85 -1.96
CA LEU A 287 -7.63 29.02 -2.59
C LEU A 287 -8.67 29.88 -3.28
N PRO A 288 -8.44 31.20 -3.33
CA PRO A 288 -9.28 32.05 -4.18
C PRO A 288 -9.10 31.81 -5.70
N GLN A 289 -7.94 31.28 -6.09
CA GLN A 289 -7.62 30.99 -7.49
C GLN A 289 -8.13 29.58 -7.85
N LYS A 290 -8.58 29.41 -9.07
CA LYS A 290 -8.87 28.08 -9.61
C LYS A 290 -7.65 27.48 -10.30
N PRO A 291 -7.44 26.16 -10.18
CA PRO A 291 -6.39 25.58 -11.03
C PRO A 291 -6.79 25.58 -12.51
N GLU A 292 -5.82 25.57 -13.41
CA GLU A 292 -6.15 25.42 -14.81
C GLU A 292 -6.73 24.04 -15.10
N ARG A 293 -6.04 23.02 -14.64
CA ARG A 293 -6.54 21.63 -14.80
C ARG A 293 -7.45 21.22 -13.67
N THR A 294 -8.28 20.21 -13.93
CA THR A 294 -9.03 19.57 -12.87
C THR A 294 -8.10 18.75 -11.99
N ILE A 295 -8.25 18.83 -10.68
CA ILE A 295 -7.51 17.97 -9.75
C ILE A 295 -8.45 16.90 -9.26
N ARG A 296 -8.08 15.65 -9.48
CA ARG A 296 -8.94 14.54 -9.13
C ARG A 296 -8.27 13.71 -8.02
N VAL A 297 -8.96 13.62 -6.86
CA VAL A 297 -8.55 12.76 -5.77
C VAL A 297 -9.19 11.40 -6.03
N VAL A 298 -8.38 10.35 -6.10
CA VAL A 298 -8.94 9.01 -6.27
C VAL A 298 -8.54 8.17 -5.07
N LEU A 299 -9.55 7.63 -4.38
CA LEU A 299 -9.33 6.79 -3.24
C LEU A 299 -9.67 5.39 -3.69
N TYR A 300 -8.64 4.62 -4.00
CA TYR A 300 -8.81 3.36 -4.71
C TYR A 300 -9.27 2.26 -3.80
N ALA A 301 -10.12 1.41 -4.37
CA ALA A 301 -10.58 0.18 -3.76
C ALA A 301 -9.58 -0.96 -3.94
N ALA A 302 -9.53 -1.81 -2.92
CA ALA A 302 -9.00 -3.15 -3.03
C ALA A 302 -7.56 -3.17 -3.54
N GLU A 303 -6.76 -2.20 -3.13
CA GLU A 303 -5.33 -2.21 -3.46
C GLU A 303 -4.64 -3.44 -2.89
N GLU A 304 -4.98 -3.81 -1.66
CA GLU A 304 -4.34 -4.92 -0.94
C GLU A 304 -4.55 -6.27 -1.61
N LEU A 305 -5.60 -6.36 -2.42
CA LEU A 305 -5.94 -7.61 -3.09
C LEU A 305 -5.38 -7.67 -4.51
N GLY A 306 -4.44 -6.81 -4.86
CA GLY A 306 -3.85 -6.82 -6.19
C GLY A 306 -4.20 -5.64 -7.07
N LEU A 307 -4.21 -4.44 -6.50
CA LEU A 307 -4.47 -3.23 -7.29
C LEU A 307 -5.78 -3.30 -8.07
N LEU A 308 -6.79 -3.98 -7.54
CA LEU A 308 -8.01 -4.17 -8.30
C LEU A 308 -8.70 -2.85 -8.69
N GLY A 309 -8.80 -1.91 -7.75
CA GLY A 309 -9.36 -0.62 -8.08
C GLY A 309 -8.51 0.18 -9.04
N GLY A 310 -7.20 0.15 -8.88
CA GLY A 310 -6.35 0.83 -9.87
C GLY A 310 -6.49 0.28 -11.28
N LYS A 311 -6.50 -1.04 -11.41
CA LYS A 311 -6.65 -1.69 -12.69
C LYS A 311 -8.02 -1.37 -13.28
N THR A 312 -9.05 -1.37 -12.44
CA THR A 312 -10.40 -1.07 -12.90
C THR A 312 -10.47 0.38 -13.42
N TYR A 313 -9.90 1.31 -12.66
CA TYR A 313 -9.89 2.70 -13.06
C TYR A 313 -9.20 2.89 -14.43
N ALA A 314 -8.02 2.28 -14.59
CA ALA A 314 -7.29 2.37 -15.87
C ALA A 314 -8.14 1.92 -17.04
N LYS A 315 -8.90 0.85 -16.86
CA LYS A 315 -9.75 0.38 -17.97
CA LYS A 315 -9.78 0.34 -17.93
C LYS A 315 -10.98 1.25 -18.15
N GLU A 316 -11.67 1.58 -17.06
CA GLU A 316 -12.88 2.40 -17.10
C GLU A 316 -12.62 3.77 -17.70
N HIS A 317 -11.44 4.34 -17.43
CA HIS A 317 -11.09 5.69 -17.89
C HIS A 317 -10.19 5.67 -19.12
N GLU A 318 -10.18 4.54 -19.82
CA GLU A 318 -9.31 4.36 -20.99
C GLU A 318 -9.39 5.53 -21.98
N ALA A 319 -10.59 5.97 -22.33
CA ALA A 319 -10.76 7.05 -23.31
C ALA A 319 -10.33 8.40 -22.75
N GLU A 320 -10.22 8.51 -21.42
CA GLU A 320 -9.86 9.75 -20.74
C GLU A 320 -8.35 9.83 -20.41
N LEU A 321 -7.63 8.73 -20.57
CA LEU A 321 -6.21 8.70 -20.12
C LEU A 321 -5.32 9.67 -20.86
N GLU A 322 -5.63 9.92 -22.12
CA GLU A 322 -4.84 10.85 -22.88
C GLU A 322 -4.88 12.23 -22.25
N LYS A 323 -6.00 12.56 -21.62
CA LYS A 323 -6.16 13.83 -20.92
CA LYS A 323 -6.16 13.83 -20.92
C LYS A 323 -5.69 13.83 -19.44
N HIS A 324 -5.17 12.71 -18.95
CA HIS A 324 -4.52 12.66 -17.63
C HIS A 324 -3.15 13.28 -17.77
N TYR A 325 -2.97 14.43 -17.18
CA TYR A 325 -1.70 15.13 -17.32
C TYR A 325 -0.58 14.39 -16.59
N ILE A 326 -0.83 14.03 -15.33
CA ILE A 326 0.12 13.31 -14.49
C ILE A 326 -0.67 12.68 -13.38
N ALA A 327 -0.16 11.55 -12.89
CA ALA A 327 -0.76 10.85 -11.76
C ALA A 327 0.29 10.52 -10.69
N ALA A 328 -0.11 10.53 -9.41
CA ALA A 328 0.77 10.19 -8.28
C ALA A 328 -0.08 9.63 -7.15
N GLU A 329 0.54 8.78 -6.34
CA GLU A 329 -0.16 8.14 -5.22
C GLU A 329 0.69 8.12 -3.96
N SER A 330 0.06 8.47 -2.84
CA SER A 330 0.67 8.37 -1.51
C SER A 330 0.28 7.00 -0.91
N ASP A 331 1.24 6.11 -0.78
CA ASP A 331 1.02 4.79 -0.16
C ASP A 331 2.34 4.24 0.38
N PHE A 332 2.99 5.04 1.20
CA PHE A 332 4.16 4.58 1.96
C PHE A 332 4.16 5.23 3.34
N GLY A 333 2.97 5.23 3.96
CA GLY A 333 2.78 5.70 5.33
C GLY A 333 2.75 7.20 5.45
N ALA A 334 3.31 7.71 6.54
CA ALA A 334 3.25 9.16 6.88
C ALA A 334 4.63 9.79 6.99
N GLY A 335 5.69 9.03 6.68
CA GLY A 335 7.05 9.58 6.75
C GLY A 335 7.25 10.70 5.76
N PRO A 336 8.16 11.65 6.05
CA PRO A 336 8.25 12.80 5.14
C PRO A 336 8.82 12.42 3.77
N ILE A 337 8.42 13.20 2.77
CA ILE A 337 8.93 13.12 1.43
C ILE A 337 10.32 13.75 1.37
N TYR A 338 11.25 13.02 0.75
CA TYR A 338 12.66 13.49 0.60
C TYR A 338 13.13 13.65 -0.85
N GLN A 339 12.32 13.24 -1.81
CA GLN A 339 12.71 13.27 -3.22
C GLN A 339 11.45 13.10 -4.06
N ILE A 340 11.40 13.78 -5.21
CA ILE A 340 10.40 13.47 -6.22
C ILE A 340 11.07 12.92 -7.47
N ASP A 341 10.73 11.67 -7.80
CA ASP A 341 11.13 11.06 -9.04
C ASP A 341 9.97 11.16 -10.06
N TRP A 342 10.34 11.16 -11.35
CA TRP A 342 9.40 11.41 -12.44
C TRP A 342 9.34 10.29 -13.42
N ARG A 343 8.25 10.27 -14.17
CA ARG A 343 8.14 9.49 -15.39
C ARG A 343 7.44 10.38 -16.39
N VAL A 344 8.27 11.24 -17.02
CA VAL A 344 7.81 12.23 -18.00
C VAL A 344 8.71 12.17 -19.26
N ALA A 345 8.32 12.92 -20.29
CA ALA A 345 9.15 13.10 -21.45
C ALA A 345 10.57 13.53 -21.08
N ASP A 346 11.54 13.06 -21.87
CA ASP A 346 12.91 13.47 -21.66
C ASP A 346 13.01 15.01 -21.61
N THR A 347 12.28 15.70 -22.50
CA THR A 347 12.36 17.16 -22.58
C THR A 347 11.58 17.88 -21.46
N ALA A 348 10.78 17.15 -20.70
CA ALA A 348 10.07 17.67 -19.53
C ALA A 348 10.84 17.50 -18.22
N HIS A 349 11.86 16.64 -18.18
CA HIS A 349 12.46 16.25 -16.89
C HIS A 349 13.08 17.45 -16.15
N SER A 350 13.99 18.17 -16.79
CA SER A 350 14.59 19.30 -16.09
CA SER A 350 14.60 19.33 -16.11
C SER A 350 13.52 20.35 -15.76
N PRO A 351 12.56 20.61 -16.68
CA PRO A 351 11.48 21.58 -16.32
C PRO A 351 10.68 21.21 -15.11
N VAL A 352 10.31 19.93 -14.92
CA VAL A 352 9.52 19.55 -13.73
C VAL A 352 10.35 19.52 -12.45
N ILE A 353 11.63 19.12 -12.54
CA ILE A 353 12.54 19.24 -11.40
C ILE A 353 12.55 20.70 -10.95
N ASN A 354 12.75 21.61 -11.90
CA ASN A 354 12.82 23.05 -11.60
CA ASN A 354 12.76 23.03 -11.59
C ASN A 354 11.49 23.53 -10.96
N ALA A 355 10.37 23.14 -11.55
CA ALA A 355 9.06 23.53 -11.02
C ALA A 355 8.93 23.10 -9.58
N LYS A 357 11.25 22.72 -7.35
CA LYS A 357 12.28 23.20 -6.42
CA LYS A 357 12.28 23.29 -6.46
C LYS A 357 11.61 24.02 -5.33
N VAL A 358 10.34 24.39 -5.53
CA VAL A 358 9.57 25.02 -4.48
C VAL A 358 9.50 24.16 -3.18
N ALA A 359 9.63 22.84 -3.32
CA ALA A 359 9.59 21.91 -2.18
C ALA A 359 10.95 21.67 -1.52
N GLU A 360 12.03 22.17 -2.11
CA GLU A 360 13.35 22.04 -1.49
C GLU A 360 13.37 22.45 -0.02
N PRO A 361 12.81 23.61 0.32
CA PRO A 361 12.77 23.99 1.74
C PRO A 361 11.99 23.07 2.68
N LEU A 362 11.20 22.15 2.12
CA LEU A 362 10.47 21.16 2.91
C LEU A 362 11.27 19.87 2.99
N GLY A 363 12.44 19.89 2.36
CA GLY A 363 13.36 18.76 2.38
C GLY A 363 13.29 17.86 1.16
N VAL A 364 12.69 18.33 0.07
CA VAL A 364 12.47 17.49 -1.11
C VAL A 364 13.48 17.77 -2.22
N ALA A 365 14.26 16.73 -2.55
CA ALA A 365 15.37 16.80 -3.52
C ALA A 365 14.87 16.49 -4.92
N ALA A 366 15.62 16.97 -5.90
CA ALA A 366 15.43 16.61 -7.30
C ALA A 366 15.64 15.11 -7.49
N GLY A 367 14.85 14.55 -8.38
CA GLY A 367 14.92 13.14 -8.69
C GLY A 367 15.11 12.76 -10.13
N ASN A 368 15.03 11.46 -10.34
CA ASN A 368 15.29 10.86 -11.64
C ASN A 368 14.06 10.86 -12.54
N ASN A 369 14.18 10.22 -13.70
CA ASN A 369 13.06 10.16 -14.68
C ASN A 369 12.68 8.72 -15.01
N LYS A 370 12.75 7.89 -13.99
CA LYS A 370 12.47 6.43 -14.10
C LYS A 370 11.44 5.97 -13.07
N ALA A 371 10.64 6.88 -12.54
CA ALA A 371 9.62 6.51 -11.52
C ALA A 371 8.59 5.50 -12.00
N SER A 372 8.26 4.57 -11.12
CA SER A 372 7.20 3.62 -11.38
CA SER A 372 7.20 3.62 -11.39
C SER A 372 5.82 4.21 -11.10
N GLY A 373 5.75 5.18 -10.21
CA GLY A 373 4.52 5.61 -9.61
C GLY A 373 4.11 4.62 -8.53
N GLY A 374 3.26 5.09 -7.64
CA GLY A 374 2.71 4.24 -6.59
C GLY A 374 1.84 3.13 -7.14
N PRO A 375 1.49 2.19 -6.28
CA PRO A 375 0.89 0.96 -6.74
C PRO A 375 -0.31 1.12 -7.66
N ASP A 376 -1.29 1.92 -7.23
CA ASP A 376 -2.52 2.05 -8.01
C ASP A 376 -2.41 2.85 -9.32
N VAL A 377 -1.31 3.58 -9.49
CA VAL A 377 -1.05 4.29 -10.75
C VAL A 377 0.09 3.67 -11.55
N SER A 378 0.61 2.53 -11.07
CA SER A 378 1.82 1.95 -11.64
C SER A 378 1.58 1.35 -13.01
N LEU A 380 -0.19 2.92 -15.32
CA LEU A 380 -0.58 4.00 -16.17
C LEU A 380 0.51 4.46 -17.15
N PRO A 381 1.80 4.42 -16.76
CA PRO A 381 2.82 4.76 -17.77
C PRO A 381 2.83 3.91 -19.01
N ALA A 382 2.54 2.61 -18.89
CA ALA A 382 2.47 1.76 -20.04
C ALA A 382 1.31 2.18 -20.95
N LEU A 383 0.32 2.90 -20.42
CA LEU A 383 -0.80 3.42 -21.19
C LEU A 383 -0.55 4.86 -21.63
N GLY A 384 0.66 5.35 -21.36
CA GLY A 384 1.09 6.65 -21.86
C GLY A 384 1.01 7.80 -20.87
N VAL A 385 0.53 7.51 -19.67
CA VAL A 385 0.22 8.52 -18.66
C VAL A 385 1.46 8.78 -17.82
N PRO A 386 1.91 10.05 -17.79
CA PRO A 386 3.02 10.40 -16.92
C PRO A 386 2.68 10.21 -15.44
N VAL A 387 3.69 9.94 -14.63
CA VAL A 387 3.51 9.81 -13.22
C VAL A 387 4.70 10.43 -12.50
N ALA A 388 4.52 10.63 -11.19
CA ALA A 388 5.59 10.95 -10.26
C ALA A 388 5.54 10.00 -9.06
N SER A 389 6.70 9.76 -8.47
CA SER A 389 6.82 9.03 -7.20
C SER A 389 7.40 10.03 -6.21
N LEU A 390 6.57 10.40 -5.25
CA LEU A 390 6.95 11.33 -4.22
C LEU A 390 7.44 10.45 -3.06
N ARG A 391 8.75 10.38 -2.95
CA ARG A 391 9.39 9.32 -2.15
C ARG A 391 9.29 9.66 -0.68
N GLN A 392 8.63 8.79 0.10
CA GLN A 392 8.51 8.93 1.55
C GLN A 392 9.59 8.15 2.26
N ASP A 393 10.03 8.67 3.41
CA ASP A 393 10.91 7.94 4.33
C ASP A 393 10.10 6.84 5.02
N GLY A 394 10.36 5.60 4.62
CA GLY A 394 9.68 4.47 5.21
C GLY A 394 10.54 3.63 6.11
N SER A 395 11.55 4.23 6.73
CA SER A 395 12.47 3.44 7.59
C SER A 395 11.73 2.65 8.67
N ASP A 396 10.65 3.23 9.22
CA ASP A 396 9.87 2.56 10.27
C ASP A 396 8.58 1.89 9.77
N TYR A 397 8.29 2.02 8.47
CA TYR A 397 6.98 1.62 7.93
C TYR A 397 6.71 0.13 8.13
N PHE A 398 7.70 -0.71 7.87
CA PHE A 398 7.52 -2.15 7.98
C PHE A 398 7.64 -2.69 9.40
N ASP A 399 7.79 -1.79 10.38
CA ASP A 399 7.53 -2.17 11.78
C ASP A 399 6.04 -2.37 12.06
N TYR A 400 5.19 -1.69 11.31
CA TYR A 400 3.75 -1.68 11.62
C TYR A 400 2.86 -2.13 10.50
N HIS A 401 3.32 -1.98 9.25
CA HIS A 401 2.61 -2.39 8.04
C HIS A 401 2.03 -3.76 8.20
N HIS A 402 0.71 -3.91 7.98
CA HIS A 402 0.05 -5.20 7.95
C HIS A 402 0.03 -5.96 9.28
N THR A 403 0.21 -5.22 10.37
CA THR A 403 0.05 -5.77 11.73
C THR A 403 -1.14 -5.19 12.45
N PRO A 404 -1.52 -5.81 13.60
CA PRO A 404 -2.45 -5.13 14.50
C PRO A 404 -1.96 -3.82 15.10
N ASN A 405 -0.66 -3.54 14.95
CA ASN A 405 -0.05 -2.34 15.45
C ASN A 405 -0.13 -1.18 14.46
N ASP A 406 -0.77 -1.36 13.30
CA ASP A 406 -1.00 -0.25 12.35
C ASP A 406 -2.17 0.61 12.83
N THR A 407 -1.83 1.51 13.75
CA THR A 407 -2.82 2.31 14.47
C THR A 407 -2.45 3.78 14.41
N LEU A 408 -3.40 4.62 14.78
CA LEU A 408 -3.29 6.07 14.57
C LEU A 408 -2.06 6.65 15.20
N ASP A 409 -1.76 6.15 16.41
CA ASP A 409 -0.62 6.63 17.19
C ASP A 409 0.74 6.39 16.54
N LYS A 410 0.76 5.60 15.46
CA LYS A 410 1.98 5.41 14.69
C LYS A 410 2.30 6.58 13.73
N ILE A 411 1.34 7.45 13.48
CA ILE A 411 1.51 8.59 12.57
C ILE A 411 2.15 9.75 13.34
N ASN A 412 3.27 10.24 12.83
CA ASN A 412 3.90 11.43 13.31
C ASN A 412 3.20 12.60 12.64
N PRO A 413 2.49 13.42 13.42
CA PRO A 413 1.67 14.48 12.81
C PRO A 413 2.47 15.48 12.01
N GLU A 414 3.67 15.81 12.47
CA GLU A 414 4.51 16.76 11.74
C GLU A 414 4.92 16.19 10.39
N ALA A 415 5.27 14.91 10.35
CA ALA A 415 5.59 14.26 9.08
C ALA A 415 4.36 14.16 8.14
N LEU A 416 3.19 13.87 8.73
CA LEU A 416 1.95 13.81 7.93
C LEU A 416 1.70 15.19 7.28
N ALA A 417 1.89 16.27 8.06
CA ALA A 417 1.72 17.61 7.58
C ALA A 417 2.68 17.96 6.46
N GLN A 418 3.93 17.51 6.54
CA GLN A 418 4.89 17.74 5.45
C GLN A 418 4.45 17.05 4.16
N ASN A 419 3.87 15.86 4.26
CA ASN A 419 3.32 15.23 3.07
C ASN A 419 2.15 16.01 2.47
N VAL A 420 1.27 16.52 3.33
CA VAL A 420 0.14 17.34 2.88
C VAL A 420 0.68 18.57 2.12
N ALA A 421 1.73 19.18 2.69
CA ALA A 421 2.36 20.38 2.11
C ALA A 421 2.92 20.06 0.75
N VAL A 422 3.67 18.96 0.64
CA VAL A 422 4.33 18.62 -0.64
C VAL A 422 3.30 18.19 -1.71
N TYR A 423 2.26 17.43 -1.34
CA TYR A 423 1.24 17.06 -2.31
C TYR A 423 0.46 18.28 -2.77
N ALA A 424 0.21 19.22 -1.86
CA ALA A 424 -0.51 20.44 -2.23
C ALA A 424 0.33 21.22 -3.26
N GLN A 425 1.62 21.35 -3.02
CA GLN A 425 2.52 21.99 -3.96
C GLN A 425 2.51 21.23 -5.30
N PHE A 426 2.69 19.91 -5.22
CA PHE A 426 2.69 19.09 -6.44
C PHE A 426 1.41 19.27 -7.24
N ALA A 427 0.26 19.11 -6.59
CA ALA A 427 -1.00 19.16 -7.30
C ALA A 427 -1.21 20.58 -7.87
N TRP A 428 -0.87 21.61 -7.11
CA TRP A 428 -1.01 22.97 -7.63
C TRP A 428 -0.05 23.25 -8.80
N VAL A 429 1.23 23.00 -8.61
CA VAL A 429 2.19 23.23 -9.67
C VAL A 429 1.84 22.43 -10.94
N ALA A 431 -1.15 21.21 -11.82
CA ALA A 431 -2.43 21.65 -12.37
C ALA A 431 -2.35 22.99 -13.07
N ASN A 432 -1.21 23.66 -12.94
CA ASN A 432 -0.99 24.96 -13.61
C ASN A 432 0.25 24.99 -14.53
N SER A 433 0.91 23.85 -14.69
CA SER A 433 2.14 23.79 -15.47
C SER A 433 1.87 23.86 -16.95
N LYS A 434 2.76 24.53 -17.66
CA LYS A 434 2.74 24.52 -19.12
C LYS A 434 3.64 23.50 -19.80
N VAL A 435 4.36 22.68 -19.01
CA VAL A 435 5.30 21.73 -19.56
C VAL A 435 4.54 20.61 -20.27
N GLU A 436 5.05 20.26 -21.45
CA GLU A 436 4.55 19.09 -22.16
C GLU A 436 5.21 17.86 -21.60
N LEU A 437 4.43 16.96 -21.03
CA LEU A 437 4.97 15.79 -20.34
C LEU A 437 5.08 14.52 -21.19
N ARG A 438 4.52 14.56 -22.40
CA ARG A 438 4.46 13.40 -23.25
C ARG A 438 5.29 13.69 -24.53
N PRO A 439 5.71 12.63 -25.23
CA PRO A 439 5.53 11.24 -24.93
C PRO A 439 6.56 10.73 -23.93
N LEU A 440 6.20 9.69 -23.18
CA LEU A 440 7.13 9.03 -22.27
C LEU A 440 8.18 8.30 -23.06
N PRO A 441 9.45 8.39 -22.66
CA PRO A 441 10.49 7.59 -23.31
C PRO A 441 10.34 6.09 -22.97
N PRO A 442 10.85 5.21 -23.83
CA PRO A 442 10.82 3.76 -23.58
C PRO A 442 11.42 3.36 -22.23
N LYS A 443 10.76 2.43 -21.54
CA LYS A 443 11.24 1.88 -20.26
C LYS A 443 12.55 1.11 -20.46
#